data_3CPU
#
_entry.id   3CPU
#
_cell.length_a   52.910
_cell.length_b   75.390
_cell.length_c   136.120
_cell.angle_alpha   90.00
_cell.angle_beta   90.00
_cell.angle_gamma   90.00
#
_symmetry.space_group_name_H-M   'P 21 21 21'
#
loop_
_entity.id
_entity.type
_entity.pdbx_description
1 polymer 'Pancreatic alpha-amylase'
2 branched alpha-D-glucopyranose-(1-4)-alpha-D-glucopyranose
3 non-polymer 'CALCIUM ION'
4 non-polymer 'CHLORIDE ION'
5 water water
#
_entity_poly.entity_id   1
_entity_poly.type   'polypeptide(L)'
_entity_poly.pdbx_seq_one_letter_code
;(PCA)YSPNTQQGRTSIVHLFEWRWVDIALECERYLAPKGFGGVQVSPPNENVAIYNPFRPWWERYQPVSYKLCTRSGNE
DEFRNMVTRCNNVGVRIYVDAVINHMCGNAVSAGTSSTCGSYFNPGSRDFPAVPYSGWDFNDGKCKTGSGDIENYNDATQ
VRDCRLTGLLDLALEKDYVRSKIAEYMNHLIDIGVAGFRLDASKHMWPGDIKAILDKLHNLNSNWFPAGSKPFIYQEVID
LGGEPIKSSDYFGNGRVTEFKYGAKLGTVIRKWNGEKMSYLKNWGEGWGFVPSDRALVFVDNHNNQRGHGAGGASILTFW
DARLYKMAVGFMLAHPYGFTRVMSSYRWPRQFQNGNDVNDWVGPPNNNGVIKEVTINPDTTCGNDWVCEHRWRQIRNMVI
FRNVVDGQPFTNWYDNGSNQVAFGRGNRGFIVFNNDDWSFSLTLQTGLPAGTYCDVISGDKINGNCTGIKIYVSDDGKAH
FSISNSAEDPFIAIHAESKL
;
_entity_poly.pdbx_strand_id   A
#
# COMPACT_ATOMS: atom_id res chain seq x y z
N TYR A 2 0.96 -11.20 -11.79
CA TYR A 2 0.85 -11.68 -10.39
C TYR A 2 2.18 -11.58 -9.64
N SER A 3 3.26 -11.52 -10.39
CA SER A 3 4.59 -11.37 -9.82
C SER A 3 5.06 -9.90 -9.79
N PRO A 4 5.44 -9.44 -8.58
CA PRO A 4 5.90 -8.08 -8.31
C PRO A 4 6.99 -7.52 -9.20
N ASN A 5 7.85 -8.39 -9.71
CA ASN A 5 8.96 -7.97 -10.58
C ASN A 5 10.06 -7.30 -9.76
N THR A 6 10.13 -7.64 -8.48
CA THR A 6 11.15 -7.10 -7.59
C THR A 6 12.44 -7.91 -7.76
N GLN A 7 13.53 -7.41 -7.21
CA GLN A 7 14.78 -8.12 -7.34
C GLN A 7 14.76 -9.32 -6.39
N GLN A 8 15.44 -10.42 -6.69
CA GLN A 8 15.40 -11.56 -5.77
C GLN A 8 15.78 -11.16 -4.36
N GLY A 9 14.93 -11.52 -3.42
CA GLY A 9 15.21 -11.20 -2.03
C GLY A 9 14.41 -10.04 -1.48
N ARG A 10 13.64 -9.36 -2.31
CA ARG A 10 12.84 -8.21 -1.85
C ARG A 10 11.38 -8.55 -1.91
N THR A 11 10.75 -8.56 -0.74
CA THR A 11 9.37 -9.01 -0.61
C THR A 11 8.36 -7.94 -0.27
N SER A 12 8.75 -6.67 -0.16
CA SER A 12 7.73 -5.66 0.18
C SER A 12 7.84 -4.42 -0.69
N ILE A 13 6.73 -3.68 -0.74
CA ILE A 13 6.72 -2.42 -1.44
C ILE A 13 6.22 -1.36 -0.47
N VAL A 14 6.63 -0.12 -0.66
CA VAL A 14 6.19 0.92 0.24
C VAL A 14 5.48 2.02 -0.51
N HIS A 15 4.38 2.49 0.07
CA HIS A 15 3.63 3.56 -0.54
C HIS A 15 4.14 4.90 -0.03
N LEU A 16 4.94 5.60 -0.84
CA LEU A 16 5.41 6.93 -0.45
C LEU A 16 4.38 7.98 -0.89
N PHE A 17 3.30 7.99 -0.13
CA PHE A 17 2.11 8.80 -0.33
C PHE A 17 2.41 10.30 -0.45
N GLU A 18 2.08 10.84 -1.63
CA GLU A 18 2.24 12.26 -1.97
C GLU A 18 3.68 12.75 -1.99
N TRP A 19 4.67 11.86 -2.00
CA TRP A 19 6.06 12.32 -2.04
C TRP A 19 6.39 12.88 -3.43
N ARG A 20 7.38 13.77 -3.49
CA ARG A 20 7.82 14.33 -4.77
C ARG A 20 8.78 13.36 -5.44
N TRP A 21 8.84 13.39 -6.77
CA TRP A 21 9.70 12.48 -7.50
C TRP A 21 11.15 12.64 -7.10
N VAL A 22 11.60 13.87 -6.92
CA VAL A 22 12.99 14.06 -6.56
C VAL A 22 13.30 13.47 -5.19
N ASP A 23 12.34 13.47 -4.26
CA ASP A 23 12.59 12.91 -2.93
C ASP A 23 12.59 11.38 -2.98
N ILE A 24 11.73 10.79 -3.81
CA ILE A 24 11.68 9.34 -3.94
C ILE A 24 12.97 8.81 -4.53
N ALA A 25 13.49 9.52 -5.53
CA ALA A 25 14.73 9.12 -6.21
C ALA A 25 15.89 9.05 -5.22
N LEU A 26 15.98 10.04 -4.34
CA LEU A 26 17.03 10.07 -3.33
C LEU A 26 16.82 8.98 -2.30
N GLU A 27 15.56 8.78 -1.90
CA GLU A 27 15.24 7.75 -0.92
C GLU A 27 15.62 6.37 -1.44
N CYS A 28 15.46 6.14 -2.74
CA CYS A 28 15.82 4.86 -3.35
C CYS A 28 17.30 4.56 -3.16
N GLU A 29 18.12 5.57 -3.41
CA GLU A 29 19.58 5.43 -3.35
C GLU A 29 20.14 5.43 -1.95
N ARG A 30 19.68 6.35 -1.11
CA ARG A 30 20.23 6.47 0.23
C ARG A 30 19.58 5.52 1.24
N TYR A 31 18.40 4.97 0.95
CA TYR A 31 17.78 4.17 1.99
C TYR A 31 17.12 2.87 1.50
N LEU A 32 16.19 2.97 0.58
CA LEU A 32 15.43 1.80 0.12
C LEU A 32 16.31 0.67 -0.40
N ALA A 33 17.26 1.00 -1.28
CA ALA A 33 18.16 -0.01 -1.85
C ALA A 33 18.97 -0.73 -0.77
N PRO A 34 19.72 0.01 0.03
CA PRO A 34 20.51 -0.66 1.07
C PRO A 34 19.69 -1.36 2.15
N LYS A 35 18.45 -0.90 2.41
CA LYS A 35 17.62 -1.55 3.45
C LYS A 35 16.75 -2.67 2.91
N GLY A 36 16.95 -3.10 1.68
CA GLY A 36 16.19 -4.21 1.15
C GLY A 36 14.73 -4.05 0.77
N PHE A 37 14.26 -2.84 0.54
CA PHE A 37 12.87 -2.66 0.14
C PHE A 37 12.72 -3.02 -1.35
N GLY A 38 11.62 -3.68 -1.70
CA GLY A 38 11.42 -4.09 -3.08
C GLY A 38 10.92 -3.06 -4.07
N GLY A 39 10.09 -2.13 -3.64
CA GLY A 39 9.58 -1.16 -4.59
C GLY A 39 8.80 -0.05 -3.96
N VAL A 40 8.33 0.87 -4.77
CA VAL A 40 7.59 2.02 -4.29
C VAL A 40 6.31 2.28 -5.08
N GLN A 41 5.20 2.39 -4.38
CA GLN A 41 3.95 2.78 -5.01
C GLN A 41 3.88 4.31 -4.97
N VAL A 42 3.81 4.95 -6.11
CA VAL A 42 3.77 6.41 -6.12
C VAL A 42 2.36 6.92 -6.32
N SER A 43 2.15 8.19 -5.98
CA SER A 43 0.84 8.80 -6.17
C SER A 43 0.60 9.01 -7.67
N PRO A 44 -0.67 9.17 -8.08
CA PRO A 44 -0.88 9.37 -9.52
C PRO A 44 0.06 10.40 -10.14
N PRO A 45 0.75 10.05 -11.24
CA PRO A 45 1.67 10.98 -11.90
C PRO A 45 1.06 11.83 -13.02
N ASN A 46 -0.22 11.62 -13.32
CA ASN A 46 -0.88 12.37 -14.39
C ASN A 46 -1.56 13.64 -13.87
N GLU A 47 -1.70 14.62 -14.75
CA GLU A 47 -2.32 15.90 -14.41
C GLU A 47 -3.72 15.71 -13.80
N ASN A 48 -3.97 16.44 -12.71
CA ASN A 48 -5.26 16.37 -12.03
C ASN A 48 -5.83 17.78 -11.83
N VAL A 49 -7.05 17.83 -11.30
CA VAL A 49 -7.69 19.12 -11.04
C VAL A 49 -7.09 19.79 -9.80
N ALA A 50 -6.85 21.09 -9.90
CA ALA A 50 -6.36 21.83 -8.76
C ALA A 50 -7.56 22.36 -7.99
N ILE A 51 -7.90 21.72 -6.87
CA ILE A 51 -9.04 22.13 -6.07
C ILE A 51 -8.61 23.06 -4.96
N TYR A 52 -9.18 24.26 -4.94
CA TYR A 52 -8.82 25.27 -3.96
C TYR A 52 -9.81 25.36 -2.81
N ASN A 53 -10.88 24.60 -2.88
CA ASN A 53 -11.86 24.60 -1.79
C ASN A 53 -12.44 23.21 -1.59
N PRO A 54 -11.89 22.46 -0.62
CA PRO A 54 -10.80 22.86 0.26
C PRO A 54 -9.46 23.03 -0.46
N PHE A 55 -8.48 23.57 0.26
CA PHE A 55 -7.17 23.87 -0.29
C PHE A 55 -6.32 22.65 -0.57
N ARG A 56 -6.18 22.34 -1.85
CA ARG A 56 -5.34 21.25 -2.38
C ARG A 56 -5.45 19.97 -1.57
N PRO A 57 -6.64 19.34 -1.54
CA PRO A 57 -6.83 18.10 -0.79
C PRO A 57 -6.06 16.95 -1.41
N TRP A 58 -5.76 15.92 -0.64
CA TRP A 58 -5.04 14.78 -1.21
C TRP A 58 -5.87 14.15 -2.32
N TRP A 59 -7.18 14.13 -2.17
CA TRP A 59 -8.03 13.46 -3.14
C TRP A 59 -8.17 14.21 -4.47
N GLU A 60 -7.51 15.35 -4.65
CA GLU A 60 -7.63 16.01 -5.94
C GLU A 60 -6.85 15.21 -7.00
N ARG A 61 -5.90 14.41 -6.54
CA ARG A 61 -5.07 13.59 -7.42
C ARG A 61 -5.86 12.43 -8.00
N TYR A 62 -7.11 12.27 -7.56
CA TYR A 62 -7.97 11.20 -8.07
C TYR A 62 -9.04 11.75 -8.99
N GLN A 63 -8.76 12.94 -9.52
CA GLN A 63 -9.61 13.63 -10.48
C GLN A 63 -8.77 14.09 -11.68
N PRO A 64 -8.49 13.16 -12.60
CA PRO A 64 -7.69 13.45 -13.79
C PRO A 64 -8.25 14.50 -14.72
N VAL A 65 -7.33 15.25 -15.33
CA VAL A 65 -7.66 16.30 -16.29
C VAL A 65 -7.04 15.98 -17.65
N SER A 66 -5.98 15.19 -17.60
CA SER A 66 -5.24 14.74 -18.78
C SER A 66 -4.27 13.66 -18.37
N TYR A 67 -3.45 13.19 -19.30
CA TYR A 67 -2.51 12.15 -18.94
C TYR A 67 -1.08 12.66 -18.97
N LYS A 68 -0.92 13.99 -18.88
CA LYS A 68 0.40 14.59 -18.86
C LYS A 68 1.04 14.35 -17.50
N LEU A 69 2.31 13.97 -17.51
CA LEU A 69 3.06 13.69 -16.29
C LEU A 69 3.46 14.98 -15.61
N CYS A 70 2.46 15.71 -15.12
CA CYS A 70 2.68 17.03 -14.55
C CYS A 70 1.82 17.22 -13.29
N THR A 71 2.43 17.04 -12.13
CA THR A 71 1.70 17.14 -10.87
C THR A 71 2.50 17.93 -9.83
N ARG A 72 1.98 17.94 -8.60
CA ARG A 72 2.68 18.63 -7.52
C ARG A 72 3.92 17.86 -7.14
N SER A 73 3.96 16.58 -7.54
CA SER A 73 5.11 15.74 -7.25
C SER A 73 6.26 16.05 -8.22
N GLY A 74 5.95 16.72 -9.32
CA GLY A 74 7.00 17.04 -10.27
C GLY A 74 6.55 16.88 -11.71
N ASN A 75 7.46 17.15 -12.64
CA ASN A 75 7.14 17.04 -14.06
C ASN A 75 7.67 15.74 -14.65
N GLU A 76 7.49 15.58 -15.95
CA GLU A 76 7.89 14.37 -16.65
C GLU A 76 9.37 14.07 -16.51
N ASP A 77 10.20 15.09 -16.62
CA ASP A 77 11.63 14.85 -16.53
C ASP A 77 12.05 14.37 -15.16
N GLU A 78 11.39 14.85 -14.12
CA GLU A 78 11.73 14.40 -12.77
C GLU A 78 11.20 12.99 -12.54
N PHE A 79 10.04 12.70 -13.13
CA PHE A 79 9.47 11.38 -13.01
C PHE A 79 10.40 10.35 -13.64
N ARG A 80 10.86 10.65 -14.84
CA ARG A 80 11.78 9.77 -15.55
C ARG A 80 13.09 9.60 -14.79
N ASN A 81 13.57 10.68 -14.19
CA ASN A 81 14.82 10.67 -13.43
C ASN A 81 14.71 9.73 -12.22
N MET A 82 13.55 9.78 -11.55
CA MET A 82 13.30 8.95 -10.37
C MET A 82 13.23 7.47 -10.72
N VAL A 83 12.43 7.12 -11.72
CA VAL A 83 12.28 5.72 -12.13
C VAL A 83 13.63 5.11 -12.52
N THR A 84 14.44 5.87 -13.26
CA THR A 84 15.74 5.42 -13.73
C THR A 84 16.70 5.20 -12.57
N ARG A 85 16.77 6.18 -11.67
CA ARG A 85 17.67 6.08 -10.54
C ARG A 85 17.26 4.96 -9.61
N CYS A 86 15.96 4.81 -9.41
CA CYS A 86 15.46 3.75 -8.55
C CYS A 86 15.74 2.38 -9.16
N ASN A 87 15.41 2.21 -10.43
CA ASN A 87 15.63 0.93 -11.09
C ASN A 87 17.10 0.55 -11.05
N ASN A 88 17.97 1.53 -11.26
CA ASN A 88 19.39 1.31 -11.29
C ASN A 88 19.91 0.85 -9.94
N VAL A 89 19.16 1.10 -8.88
CA VAL A 89 19.70 0.71 -7.60
C VAL A 89 18.90 -0.51 -7.08
N GLY A 90 18.02 -1.05 -7.95
CA GLY A 90 17.24 -2.23 -7.62
C GLY A 90 15.85 -2.07 -6.98
N VAL A 91 15.31 -0.86 -7.00
CA VAL A 91 14.00 -0.60 -6.40
C VAL A 91 12.98 -0.25 -7.48
N ARG A 92 11.88 -1.00 -7.52
CA ARG A 92 10.82 -0.82 -8.52
C ARG A 92 9.84 0.28 -8.17
N ILE A 93 9.20 0.80 -9.21
CA ILE A 93 8.20 1.83 -9.12
C ILE A 93 6.86 1.32 -9.64
N TYR A 94 5.84 1.46 -8.80
CA TYR A 94 4.50 1.06 -9.18
C TYR A 94 3.61 2.29 -9.21
N VAL A 95 2.97 2.51 -10.34
CA VAL A 95 2.15 3.70 -10.52
C VAL A 95 0.69 3.49 -10.16
N ASP A 96 0.13 4.50 -9.51
CA ASP A 96 -1.27 4.52 -9.15
C ASP A 96 -2.04 5.00 -10.36
N ALA A 97 -2.72 4.07 -11.03
CA ALA A 97 -3.42 4.41 -12.25
C ALA A 97 -4.90 4.70 -12.03
N VAL A 98 -5.28 5.95 -12.27
CA VAL A 98 -6.67 6.38 -12.16
C VAL A 98 -7.28 6.40 -13.56
N ILE A 99 -7.90 5.29 -13.93
CA ILE A 99 -8.42 5.15 -15.28
C ILE A 99 -9.92 4.90 -15.36
N ASN A 100 -10.62 4.87 -14.22
CA ASN A 100 -12.05 4.61 -14.26
C ASN A 100 -12.84 5.86 -14.56
N HIS A 101 -12.26 7.02 -14.26
CA HIS A 101 -12.99 8.27 -14.41
C HIS A 101 -12.08 9.45 -14.60
N MET A 102 -12.71 10.60 -14.81
CA MET A 102 -12.03 11.87 -14.93
C MET A 102 -12.35 12.68 -13.68
N CYS A 103 -12.68 13.97 -13.79
CA CYS A 103 -12.95 14.73 -12.58
C CYS A 103 -14.44 14.82 -12.26
N GLY A 104 -14.74 15.50 -11.15
CA GLY A 104 -16.12 15.67 -10.72
C GLY A 104 -16.93 16.40 -11.78
N ASN A 105 -18.13 15.90 -12.05
CA ASN A 105 -18.98 16.50 -13.07
C ASN A 105 -19.38 17.93 -12.74
N ALA A 106 -19.21 18.36 -11.49
CA ALA A 106 -19.61 19.71 -11.11
C ALA A 106 -18.43 20.68 -11.04
N VAL A 107 -17.21 20.20 -11.33
CA VAL A 107 -16.04 21.09 -11.29
C VAL A 107 -16.16 22.16 -12.38
N SER A 108 -15.73 23.38 -12.08
CA SER A 108 -15.82 24.47 -13.05
C SER A 108 -14.81 24.35 -14.18
N ALA A 109 -15.22 24.78 -15.37
CA ALA A 109 -14.35 24.75 -16.55
C ALA A 109 -13.28 25.81 -16.43
N GLY A 110 -12.13 25.56 -17.04
CA GLY A 110 -11.07 26.53 -16.95
C GLY A 110 -9.74 25.83 -16.92
N THR A 111 -8.71 26.50 -16.43
CA THR A 111 -7.40 25.89 -16.41
C THR A 111 -6.90 25.63 -14.99
N SER A 112 -7.80 25.30 -14.08
CA SER A 112 -7.39 24.99 -12.71
C SER A 112 -6.94 23.55 -12.63
N SER A 113 -5.80 23.30 -13.25
CA SER A 113 -5.20 21.98 -13.32
C SER A 113 -3.70 22.06 -13.03
N THR A 114 -3.13 20.96 -12.56
CA THR A 114 -1.73 21.01 -12.18
C THR A 114 -0.82 21.34 -13.35
N CYS A 115 -1.29 21.25 -14.59
CA CYS A 115 -0.38 21.58 -15.66
C CYS A 115 -0.99 22.65 -16.59
N GLY A 116 -2.06 23.27 -16.10
CA GLY A 116 -2.71 24.32 -16.85
C GLY A 116 -3.54 23.89 -18.04
N SER A 117 -3.72 22.60 -18.24
CA SER A 117 -4.54 22.16 -19.37
C SER A 117 -5.97 22.61 -19.20
N TYR A 118 -6.60 23.05 -20.28
CA TYR A 118 -7.98 23.46 -20.17
C TYR A 118 -8.88 22.26 -20.09
N PHE A 119 -10.00 22.42 -19.40
CA PHE A 119 -10.99 21.36 -19.28
C PHE A 119 -12.35 21.95 -18.96
N ASN A 120 -13.40 21.21 -19.32
CA ASN A 120 -14.77 21.65 -19.13
C ASN A 120 -15.67 20.48 -18.79
N PRO A 121 -15.78 20.14 -17.50
CA PRO A 121 -16.63 19.01 -17.08
C PRO A 121 -18.08 19.02 -17.56
N GLY A 122 -18.70 20.21 -17.55
CA GLY A 122 -20.08 20.36 -17.95
C GLY A 122 -20.42 19.92 -19.36
N SER A 123 -19.51 20.16 -20.30
CA SER A 123 -19.70 19.74 -21.68
C SER A 123 -18.90 18.48 -21.95
N ARG A 124 -18.35 17.88 -20.89
CA ARG A 124 -17.55 16.66 -21.00
C ARG A 124 -16.41 16.89 -21.96
N ASP A 125 -15.69 17.99 -21.77
CA ASP A 125 -14.65 18.36 -22.70
C ASP A 125 -13.25 18.40 -22.07
N PHE A 126 -12.43 17.39 -22.38
CA PHE A 126 -11.05 17.30 -21.90
C PHE A 126 -10.09 17.27 -23.08
N PRO A 127 -9.93 18.41 -23.74
CA PRO A 127 -9.05 18.56 -24.92
C PRO A 127 -7.58 18.12 -24.79
N ALA A 128 -7.09 17.90 -23.59
CA ALA A 128 -5.68 17.52 -23.43
C ALA A 128 -5.46 16.04 -23.69
N VAL A 129 -6.53 15.26 -23.74
CA VAL A 129 -6.39 13.84 -23.97
C VAL A 129 -6.33 13.44 -25.46
N PRO A 130 -7.39 13.75 -26.26
CA PRO A 130 -8.68 14.34 -25.89
C PRO A 130 -9.84 13.38 -25.71
N TYR A 131 -10.78 13.81 -24.89
CA TYR A 131 -12.00 13.08 -24.64
C TYR A 131 -13.16 14.01 -24.94
N SER A 132 -14.33 13.48 -25.24
CA SER A 132 -15.50 14.31 -25.49
C SER A 132 -16.71 13.67 -24.89
N GLY A 133 -17.87 14.32 -25.02
CA GLY A 133 -19.08 13.75 -24.47
C GLY A 133 -19.31 12.31 -24.91
N TRP A 134 -18.73 11.92 -26.03
CA TRP A 134 -18.88 10.56 -26.58
C TRP A 134 -18.15 9.52 -25.76
N ASP A 135 -17.17 9.96 -24.96
CA ASP A 135 -16.34 9.03 -24.21
C ASP A 135 -16.80 8.79 -22.78
N PHE A 136 -18.00 9.22 -22.41
CA PHE A 136 -18.44 8.98 -21.03
C PHE A 136 -19.70 8.12 -21.00
N ASN A 137 -20.02 7.59 -19.82
CA ASN A 137 -21.17 6.69 -19.64
C ASN A 137 -22.46 7.43 -19.32
N ASP A 138 -22.53 8.72 -19.60
CA ASP A 138 -23.73 9.49 -19.30
C ASP A 138 -25.00 8.84 -19.86
N GLY A 139 -24.90 8.23 -21.03
CA GLY A 139 -26.08 7.60 -21.60
C GLY A 139 -26.28 6.16 -21.18
N LYS A 140 -25.21 5.53 -20.73
CA LYS A 140 -25.21 4.14 -20.32
C LYS A 140 -25.85 3.98 -18.91
N CYS A 141 -25.50 4.88 -17.98
CA CYS A 141 -26.04 4.86 -16.61
C CYS A 141 -27.55 5.02 -16.62
N LYS A 142 -28.23 4.25 -15.78
CA LYS A 142 -29.68 4.29 -15.75
C LYS A 142 -30.25 4.94 -14.49
N THR A 143 -29.41 5.31 -13.51
CA THR A 143 -29.98 5.95 -12.33
C THR A 143 -30.52 7.32 -12.66
N GLY A 144 -31.44 7.81 -11.82
CA GLY A 144 -32.03 9.11 -12.05
C GLY A 144 -31.14 10.27 -11.65
N SER A 145 -30.08 9.97 -10.89
CA SER A 145 -29.17 11.02 -10.47
C SER A 145 -27.88 11.01 -11.31
N GLY A 146 -27.64 9.90 -12.01
CA GLY A 146 -26.45 9.80 -12.82
C GLY A 146 -25.30 9.26 -11.99
N ASP A 147 -25.53 9.15 -10.69
CA ASP A 147 -24.51 8.63 -9.79
C ASP A 147 -24.90 7.24 -9.32
N ILE A 148 -23.96 6.54 -8.67
CA ILE A 148 -24.26 5.23 -8.10
C ILE A 148 -25.16 5.42 -6.89
N GLU A 149 -26.23 4.63 -6.79
CA GLU A 149 -27.15 4.80 -5.67
C GLU A 149 -27.36 3.51 -4.88
N ASN A 150 -27.23 2.39 -5.58
CA ASN A 150 -27.42 1.08 -4.96
C ASN A 150 -26.24 0.16 -5.30
N TYR A 151 -25.49 -0.23 -4.29
CA TYR A 151 -24.34 -1.09 -4.49
C TYR A 151 -24.71 -2.56 -4.62
N ASN A 152 -26.00 -2.85 -4.62
CA ASN A 152 -26.41 -4.23 -4.78
C ASN A 152 -26.76 -4.51 -6.22
N ASP A 153 -26.67 -3.45 -7.02
CA ASP A 153 -26.88 -3.51 -8.45
C ASP A 153 -25.52 -3.33 -9.13
N ALA A 154 -24.88 -4.46 -9.42
CA ALA A 154 -23.54 -4.48 -10.03
C ALA A 154 -23.45 -3.64 -11.29
N THR A 155 -24.55 -3.46 -12.01
CA THR A 155 -24.53 -2.71 -13.25
C THR A 155 -24.28 -1.21 -13.05
N GLN A 156 -25.07 -0.56 -12.19
CA GLN A 156 -24.88 0.87 -11.99
C GLN A 156 -23.54 1.17 -11.30
N VAL A 157 -23.07 0.24 -10.48
CA VAL A 157 -21.81 0.44 -9.80
C VAL A 157 -20.68 0.56 -10.81
N ARG A 158 -20.91 0.04 -12.01
CA ARG A 158 -19.92 0.08 -13.07
C ARG A 158 -20.19 1.15 -14.12
N ASP A 159 -21.45 1.46 -14.40
CA ASP A 159 -21.73 2.42 -15.47
C ASP A 159 -22.13 3.81 -14.99
N CYS A 160 -22.31 3.98 -13.69
CA CYS A 160 -22.70 5.27 -13.15
C CYS A 160 -21.53 5.98 -12.45
N ARG A 161 -21.71 7.28 -12.21
CA ARG A 161 -20.67 8.11 -11.61
C ARG A 161 -20.41 7.80 -10.15
N LEU A 162 -19.17 7.44 -9.84
CA LEU A 162 -18.77 7.19 -8.47
C LEU A 162 -18.63 8.53 -7.76
N THR A 163 -19.60 8.86 -6.91
CA THR A 163 -19.63 10.14 -6.18
C THR A 163 -19.45 11.32 -7.13
N GLY A 164 -20.18 11.29 -8.24
CA GLY A 164 -20.13 12.38 -9.20
C GLY A 164 -18.96 12.46 -10.14
N LEU A 165 -18.01 11.52 -10.05
CA LEU A 165 -16.85 11.52 -10.95
C LEU A 165 -17.24 11.09 -12.37
N LEU A 166 -16.89 11.89 -13.37
CA LEU A 166 -17.22 11.54 -14.76
C LEU A 166 -16.69 10.16 -15.10
N ASP A 167 -17.62 9.26 -15.39
CA ASP A 167 -17.30 7.87 -15.64
C ASP A 167 -17.00 7.62 -17.12
N LEU A 168 -15.79 7.16 -17.41
CA LEU A 168 -15.37 6.90 -18.79
C LEU A 168 -16.01 5.63 -19.36
N ALA A 169 -16.28 5.64 -20.66
CA ALA A 169 -16.85 4.50 -21.36
C ALA A 169 -15.72 3.56 -21.77
N LEU A 170 -15.29 2.73 -20.81
CA LEU A 170 -14.16 1.82 -20.97
C LEU A 170 -14.42 0.69 -21.96
N GLU A 171 -15.61 0.62 -22.54
CA GLU A 171 -15.86 -0.44 -23.51
C GLU A 171 -15.42 0.00 -24.92
N LYS A 172 -15.36 1.32 -25.11
CA LYS A 172 -14.95 1.90 -26.38
C LYS A 172 -13.46 1.74 -26.59
N ASP A 173 -13.08 1.24 -27.77
CA ASP A 173 -11.68 1.04 -28.06
C ASP A 173 -10.88 2.34 -28.05
N TYR A 174 -11.50 3.45 -28.42
CA TYR A 174 -10.77 4.71 -28.40
C TYR A 174 -10.32 5.01 -26.98
N VAL A 175 -11.25 4.85 -26.05
CA VAL A 175 -10.98 5.11 -24.65
C VAL A 175 -9.92 4.15 -24.11
N ARG A 176 -10.05 2.88 -24.42
CA ARG A 176 -9.07 1.89 -23.96
C ARG A 176 -7.67 2.21 -24.50
N SER A 177 -7.62 2.70 -25.74
CA SER A 177 -6.35 3.04 -26.40
C SER A 177 -5.68 4.25 -25.78
N LYS A 178 -6.46 5.27 -25.41
CA LYS A 178 -5.91 6.47 -24.78
C LYS A 178 -5.27 6.11 -23.45
N ILE A 179 -5.97 5.27 -22.69
CA ILE A 179 -5.50 4.82 -21.40
C ILE A 179 -4.26 3.96 -21.55
N ALA A 180 -4.30 3.04 -22.51
CA ALA A 180 -3.16 2.15 -22.78
C ALA A 180 -1.96 2.96 -23.27
N GLU A 181 -2.22 4.05 -24.00
CA GLU A 181 -1.15 4.89 -24.49
C GLU A 181 -0.43 5.55 -23.32
N TYR A 182 -1.22 5.99 -22.35
CA TYR A 182 -0.68 6.61 -21.14
C TYR A 182 0.16 5.58 -20.36
N MET A 183 -0.41 4.39 -20.14
CA MET A 183 0.24 3.31 -19.40
C MET A 183 1.49 2.78 -20.09
N ASN A 184 1.51 2.77 -21.42
CA ASN A 184 2.69 2.29 -22.13
C ASN A 184 3.83 3.29 -22.06
N HIS A 185 3.46 4.56 -21.93
CA HIS A 185 4.44 5.62 -21.75
C HIS A 185 5.19 5.36 -20.45
N LEU A 186 4.43 5.00 -19.42
CA LEU A 186 4.98 4.72 -18.10
C LEU A 186 5.83 3.46 -18.10
N ILE A 187 5.34 2.41 -18.75
CA ILE A 187 6.08 1.15 -18.82
C ILE A 187 7.43 1.36 -19.54
N ASP A 188 7.42 2.05 -20.68
CA ASP A 188 8.67 2.23 -21.40
C ASP A 188 9.66 3.03 -20.57
N ILE A 189 9.15 3.91 -19.72
CA ILE A 189 10.00 4.71 -18.84
C ILE A 189 10.71 3.80 -17.83
N GLY A 190 10.06 2.72 -17.45
CA GLY A 190 10.67 1.81 -16.50
C GLY A 190 9.80 1.29 -15.36
N VAL A 191 8.52 1.68 -15.30
CA VAL A 191 7.66 1.19 -14.22
C VAL A 191 7.45 -0.33 -14.29
N ALA A 192 7.29 -0.98 -13.12
CA ALA A 192 7.18 -2.43 -13.04
C ALA A 192 5.75 -2.91 -12.84
N GLY A 193 4.81 -2.00 -12.65
CA GLY A 193 3.45 -2.46 -12.44
C GLY A 193 2.51 -1.33 -12.09
N PHE A 194 1.26 -1.67 -11.83
CA PHE A 194 0.27 -0.64 -11.56
C PHE A 194 -0.74 -1.04 -10.53
N ARG A 195 -1.16 -0.03 -9.77
CA ARG A 195 -2.26 -0.18 -8.87
C ARG A 195 -3.46 0.32 -9.65
N LEU A 196 -4.48 -0.51 -9.84
CA LEU A 196 -5.64 -0.04 -10.59
C LEU A 196 -6.70 0.49 -9.64
N ASP A 197 -6.82 1.81 -9.62
CA ASP A 197 -7.75 2.52 -8.75
C ASP A 197 -9.21 2.26 -9.12
N ALA A 198 -10.06 2.18 -8.11
CA ALA A 198 -11.51 1.98 -8.26
C ALA A 198 -11.84 0.84 -9.22
N SER A 199 -11.15 -0.28 -9.09
CA SER A 199 -11.36 -1.43 -9.97
C SER A 199 -12.76 -2.00 -9.85
N LYS A 200 -13.36 -1.95 -8.68
CA LYS A 200 -14.70 -2.48 -8.50
C LYS A 200 -15.71 -1.72 -9.36
N HIS A 201 -15.34 -0.52 -9.81
CA HIS A 201 -16.24 0.31 -10.61
C HIS A 201 -16.04 0.11 -12.09
N MET A 202 -15.15 -0.80 -12.45
CA MET A 202 -14.90 -1.13 -13.85
C MET A 202 -15.20 -2.59 -14.09
N TRP A 203 -15.79 -2.92 -15.23
CA TRP A 203 -16.06 -4.32 -15.53
C TRP A 203 -14.74 -5.03 -15.74
N PRO A 204 -14.57 -6.25 -15.18
CA PRO A 204 -13.33 -7.01 -15.34
C PRO A 204 -12.91 -7.17 -16.79
N GLY A 205 -13.90 -7.24 -17.68
CA GLY A 205 -13.64 -7.39 -19.10
C GLY A 205 -13.00 -6.18 -19.75
N ASP A 206 -13.41 -4.97 -19.35
CA ASP A 206 -12.84 -3.76 -19.91
C ASP A 206 -11.41 -3.60 -19.45
N ILE A 207 -11.15 -4.03 -18.21
CA ILE A 207 -9.82 -3.95 -17.68
C ILE A 207 -8.90 -4.89 -18.46
N LYS A 208 -9.38 -6.09 -18.77
CA LYS A 208 -8.54 -7.01 -19.53
C LYS A 208 -8.22 -6.43 -20.89
N ALA A 209 -9.23 -5.85 -21.54
CA ALA A 209 -9.04 -5.27 -22.85
C ALA A 209 -7.92 -4.25 -22.84
N ILE A 210 -7.86 -3.46 -21.78
CA ILE A 210 -6.82 -2.43 -21.66
C ILE A 210 -5.45 -3.05 -21.41
N LEU A 211 -5.42 -4.09 -20.58
CA LEU A 211 -4.16 -4.74 -20.28
C LEU A 211 -3.61 -5.47 -21.50
N ASP A 212 -4.49 -5.82 -22.43
CA ASP A 212 -4.10 -6.52 -23.65
C ASP A 212 -3.21 -5.64 -24.52
N LYS A 213 -3.46 -4.34 -24.49
CA LYS A 213 -2.71 -3.41 -25.33
C LYS A 213 -1.40 -2.95 -24.71
N LEU A 214 -0.99 -3.54 -23.59
CA LEU A 214 0.22 -3.07 -22.92
C LEU A 214 1.51 -3.76 -23.39
N HIS A 215 2.61 -3.00 -23.36
CA HIS A 215 3.94 -3.50 -23.72
C HIS A 215 4.50 -4.36 -22.59
N ASN A 216 5.59 -5.05 -22.88
CA ASN A 216 6.28 -5.81 -21.86
C ASN A 216 7.19 -4.84 -21.14
N LEU A 217 7.67 -5.18 -19.95
CA LEU A 217 8.51 -4.25 -19.21
C LEU A 217 9.80 -3.95 -19.95
N ASN A 218 10.35 -2.77 -19.65
CA ASN A 218 11.60 -2.29 -20.24
C ASN A 218 12.69 -3.34 -20.15
N SER A 219 13.17 -3.76 -21.31
CA SER A 219 14.18 -4.81 -21.42
C SER A 219 15.55 -4.42 -20.85
N ASN A 220 15.79 -3.15 -20.56
CA ASN A 220 17.07 -2.78 -19.95
C ASN A 220 17.13 -3.22 -18.48
N TRP A 221 15.96 -3.39 -17.85
CA TRP A 221 15.94 -3.74 -16.43
C TRP A 221 15.25 -5.06 -16.13
N PHE A 222 14.31 -5.47 -16.97
CA PHE A 222 13.58 -6.70 -16.70
C PHE A 222 13.87 -7.77 -17.76
N PRO A 223 13.70 -9.04 -17.38
CA PRO A 223 13.94 -10.13 -18.32
C PRO A 223 12.91 -10.06 -19.43
N ALA A 224 13.30 -10.48 -20.64
CA ALA A 224 12.40 -10.45 -21.78
C ALA A 224 11.08 -11.15 -21.46
N GLY A 225 9.98 -10.59 -21.94
CA GLY A 225 8.67 -11.18 -21.70
C GLY A 225 8.03 -10.90 -20.34
N SER A 226 8.60 -9.99 -19.56
CA SER A 226 8.04 -9.67 -18.26
C SER A 226 6.78 -8.82 -18.43
N LYS A 227 5.72 -9.19 -17.72
CA LYS A 227 4.48 -8.44 -17.76
C LYS A 227 4.38 -7.53 -16.54
N PRO A 228 3.74 -6.35 -16.69
CA PRO A 228 3.64 -5.45 -15.52
C PRO A 228 2.87 -6.08 -14.37
N PHE A 229 3.35 -5.85 -13.15
CA PHE A 229 2.67 -6.33 -11.95
C PHE A 229 1.35 -5.59 -11.82
N ILE A 230 0.25 -6.31 -11.64
CA ILE A 230 -1.05 -5.66 -11.53
C ILE A 230 -1.79 -6.02 -10.24
N TYR A 231 -2.17 -4.99 -9.49
CA TYR A 231 -3.00 -5.17 -8.30
C TYR A 231 -4.16 -4.20 -8.36
N GLN A 232 -5.37 -4.72 -8.24
CA GLN A 232 -6.55 -3.88 -8.40
C GLN A 232 -7.22 -3.56 -7.08
N GLU A 233 -7.61 -2.30 -6.93
CA GLU A 233 -8.30 -1.84 -5.74
C GLU A 233 -9.75 -2.30 -5.78
N VAL A 234 -10.02 -3.41 -5.10
CA VAL A 234 -11.37 -3.93 -5.02
C VAL A 234 -11.77 -4.06 -3.55
N ILE A 235 -12.66 -3.17 -3.11
CA ILE A 235 -13.12 -3.21 -1.75
C ILE A 235 -14.22 -4.24 -1.62
N ASP A 236 -13.85 -5.42 -1.15
CA ASP A 236 -14.80 -6.50 -1.04
C ASP A 236 -14.88 -7.09 0.35
N LEU A 237 -15.72 -6.51 1.19
CA LEU A 237 -15.92 -7.13 2.46
C LEU A 237 -17.03 -8.14 2.26
N GLY A 238 -17.87 -8.64 3.29
CA GLY A 238 -18.91 -9.62 3.04
C GLY A 238 -19.84 -9.38 1.84
N GLY A 239 -20.90 -10.17 1.82
CA GLY A 239 -21.94 -10.15 0.78
C GLY A 239 -22.31 -8.95 -0.10
N GLU A 240 -21.68 -8.92 -1.26
CA GLU A 240 -21.92 -7.92 -2.28
C GLU A 240 -21.98 -8.61 -3.63
N PRO A 241 -22.92 -7.97 -4.56
CA PRO A 241 -23.00 -8.81 -5.76
C PRO A 241 -21.65 -8.95 -6.48
N ILE A 242 -20.76 -7.99 -6.29
CA ILE A 242 -19.42 -8.03 -6.91
C ILE A 242 -18.42 -8.68 -5.96
N LYS A 243 -17.59 -9.57 -6.48
CA LYS A 243 -16.60 -10.26 -5.66
C LYS A 243 -15.19 -10.08 -6.21
N SER A 244 -14.22 -10.12 -5.30
CA SER A 244 -12.81 -9.98 -5.61
C SER A 244 -12.37 -10.99 -6.69
N SER A 245 -12.87 -12.21 -6.57
CA SER A 245 -12.52 -13.31 -7.48
C SER A 245 -12.83 -12.97 -8.94
N ASP A 246 -13.80 -12.09 -9.15
CA ASP A 246 -14.17 -11.67 -10.50
C ASP A 246 -12.99 -11.00 -11.20
N TYR A 247 -11.95 -10.63 -10.44
CA TYR A 247 -10.80 -9.92 -11.01
C TYR A 247 -9.51 -10.72 -10.98
N PHE A 248 -9.56 -11.99 -10.59
CA PHE A 248 -8.34 -12.81 -10.49
C PHE A 248 -7.63 -12.97 -11.82
N GLY A 249 -8.37 -12.88 -12.92
CA GLY A 249 -7.76 -13.04 -14.21
C GLY A 249 -6.91 -11.88 -14.67
N ASN A 250 -7.04 -10.72 -14.03
CA ASN A 250 -6.29 -9.54 -14.43
C ASN A 250 -5.03 -9.34 -13.59
N GLY A 251 -5.00 -9.93 -12.41
CA GLY A 251 -3.85 -9.80 -11.53
C GLY A 251 -4.27 -9.95 -10.09
N ARG A 252 -3.50 -9.38 -9.17
CA ARG A 252 -3.84 -9.48 -7.76
C ARG A 252 -4.91 -8.48 -7.38
N VAL A 253 -5.45 -8.65 -6.18
CA VAL A 253 -6.46 -7.76 -5.66
C VAL A 253 -6.09 -7.32 -4.25
N THR A 254 -6.58 -6.16 -3.85
CA THR A 254 -6.34 -5.68 -2.50
C THR A 254 -7.24 -6.45 -1.56
N GLU A 255 -6.67 -7.06 -0.53
CA GLU A 255 -7.48 -7.79 0.44
C GLU A 255 -7.75 -6.87 1.63
N PHE A 256 -8.87 -6.13 1.55
CA PHE A 256 -9.25 -5.16 2.58
C PHE A 256 -9.73 -5.81 3.88
N LYS A 257 -10.07 -7.09 3.86
CA LYS A 257 -10.49 -7.75 5.10
C LYS A 257 -9.29 -8.04 5.99
N TYR A 258 -8.11 -8.08 5.37
CA TYR A 258 -6.88 -8.37 6.09
C TYR A 258 -6.66 -7.38 7.24
N GLY A 259 -6.58 -6.10 6.89
CA GLY A 259 -6.35 -5.05 7.87
C GLY A 259 -7.54 -4.80 8.78
N ALA A 260 -8.74 -4.99 8.26
CA ALA A 260 -9.93 -4.78 9.06
C ALA A 260 -10.02 -5.81 10.17
N LYS A 261 -9.68 -7.06 9.85
CA LYS A 261 -9.74 -8.15 10.82
C LYS A 261 -8.55 -8.14 11.75
N LEU A 262 -7.36 -7.85 11.23
CA LEU A 262 -6.19 -7.82 12.08
C LEU A 262 -6.27 -6.70 13.08
N GLY A 263 -6.88 -5.62 12.64
CA GLY A 263 -7.05 -4.45 13.46
C GLY A 263 -7.96 -4.75 14.64
N THR A 264 -9.05 -5.48 14.42
CA THR A 264 -9.92 -5.74 15.55
C THR A 264 -9.35 -6.81 16.46
N VAL A 265 -8.49 -7.57 15.90
CA VAL A 265 -7.87 -8.63 16.74
C VAL A 265 -6.79 -8.11 17.70
N ILE A 266 -5.95 -7.23 17.17
CA ILE A 266 -4.88 -6.57 17.94
C ILE A 266 -5.46 -5.63 18.98
N ARG A 267 -6.57 -4.98 18.62
CA ARG A 267 -7.26 -4.07 19.53
C ARG A 267 -8.08 -4.85 20.53
N LYS A 268 -8.19 -6.16 20.28
CA LYS A 268 -8.96 -7.08 21.13
C LYS A 268 -10.43 -6.70 21.20
N TRP A 269 -10.99 -6.32 20.05
CA TRP A 269 -12.40 -5.95 19.96
C TRP A 269 -13.25 -7.18 19.66
N ASN A 270 -14.55 -7.04 19.92
CA ASN A 270 -15.59 -8.06 19.79
C ASN A 270 -15.11 -9.49 20.03
N GLY A 271 -14.47 -9.66 21.18
CA GLY A 271 -14.02 -10.98 21.59
C GLY A 271 -12.84 -11.62 20.91
N GLU A 272 -12.28 -11.00 19.88
CA GLU A 272 -11.13 -11.54 19.17
C GLU A 272 -9.88 -11.58 20.04
N LYS A 273 -9.00 -12.54 19.75
CA LYS A 273 -7.76 -12.66 20.49
C LYS A 273 -6.69 -13.26 19.59
N MET A 274 -5.44 -12.89 19.84
CA MET A 274 -4.29 -13.33 19.03
C MET A 274 -4.18 -14.85 18.87
N SER A 275 -4.62 -15.64 19.84
CA SER A 275 -4.47 -17.09 19.68
C SER A 275 -5.28 -17.62 18.49
N TYR A 276 -6.25 -16.84 18.04
CA TYR A 276 -7.09 -17.23 16.91
C TYR A 276 -6.37 -17.08 15.58
N LEU A 277 -5.23 -16.38 15.58
CA LEU A 277 -4.47 -16.15 14.36
C LEU A 277 -3.71 -17.38 13.93
N LYS A 278 -3.95 -18.49 14.61
CA LYS A 278 -3.30 -19.76 14.30
C LYS A 278 -3.53 -20.17 12.83
N ASN A 279 -4.75 -19.97 12.35
CA ASN A 279 -5.07 -20.33 10.96
C ASN A 279 -5.31 -19.08 10.10
N TRP A 280 -4.56 -18.02 10.42
CA TRP A 280 -4.63 -16.73 9.72
C TRP A 280 -4.40 -16.87 8.21
N GLY A 281 -5.16 -16.11 7.44
CA GLY A 281 -5.03 -16.16 6.00
C GLY A 281 -6.27 -16.69 5.35
N GLU A 282 -6.11 -17.71 4.52
CA GLU A 282 -7.24 -18.31 3.82
C GLU A 282 -8.25 -18.84 4.84
N GLY A 283 -7.73 -19.28 5.98
CA GLY A 283 -8.57 -19.81 7.03
C GLY A 283 -9.59 -18.79 7.50
N TRP A 284 -9.32 -17.50 7.27
CA TRP A 284 -10.23 -16.44 7.70
C TRP A 284 -11.12 -15.95 6.56
N GLY A 285 -11.24 -16.74 5.50
CA GLY A 285 -12.09 -16.36 4.38
C GLY A 285 -11.47 -15.37 3.41
N PHE A 286 -10.16 -15.19 3.48
CA PHE A 286 -9.49 -14.26 2.59
C PHE A 286 -9.26 -14.88 1.22
N VAL A 287 -8.94 -14.06 0.23
CA VAL A 287 -8.67 -14.58 -1.10
C VAL A 287 -7.40 -15.43 -1.09
N PRO A 288 -7.21 -16.30 -2.09
CA PRO A 288 -5.99 -17.11 -2.07
C PRO A 288 -4.77 -16.21 -1.95
N SER A 289 -3.78 -16.66 -1.19
CA SER A 289 -2.56 -15.90 -0.93
C SER A 289 -1.86 -15.43 -2.22
N ASP A 290 -1.86 -16.25 -3.26
CA ASP A 290 -1.19 -15.92 -4.52
C ASP A 290 -1.85 -14.78 -5.27
N ARG A 291 -3.02 -14.35 -4.83
CA ARG A 291 -3.70 -13.26 -5.49
C ARG A 291 -3.89 -12.11 -4.52
N ALA A 292 -3.19 -12.14 -3.40
CA ALA A 292 -3.42 -11.10 -2.42
C ALA A 292 -2.29 -10.09 -2.26
N LEU A 293 -2.73 -8.85 -2.15
CA LEU A 293 -1.91 -7.71 -1.81
C LEU A 293 -2.44 -7.24 -0.46
N VAL A 294 -1.66 -7.45 0.60
CA VAL A 294 -2.11 -7.11 1.94
C VAL A 294 -1.43 -5.88 2.52
N PHE A 295 -2.06 -5.37 3.56
CA PHE A 295 -1.60 -4.18 4.23
C PHE A 295 -2.41 -3.96 5.47
N VAL A 296 -1.84 -3.24 6.43
CA VAL A 296 -2.55 -2.93 7.65
C VAL A 296 -3.51 -1.77 7.40
N ASP A 297 -2.95 -0.72 6.80
CA ASP A 297 -3.74 0.44 6.43
C ASP A 297 -3.30 0.96 5.07
N ASN A 298 -4.15 1.75 4.44
CA ASN A 298 -3.80 2.37 3.18
C ASN A 298 -4.12 3.86 3.22
N HIS A 299 -3.79 4.58 2.17
CA HIS A 299 -4.03 6.01 2.17
C HIS A 299 -5.52 6.34 2.26
N ASN A 300 -6.37 5.45 1.76
CA ASN A 300 -7.82 5.69 1.75
C ASN A 300 -8.58 4.86 2.79
N ASN A 301 -8.08 4.85 4.03
CA ASN A 301 -8.74 4.18 5.15
C ASN A 301 -8.01 4.46 6.47
N GLN A 302 -6.85 5.11 6.36
CA GLN A 302 -6.12 5.53 7.53
C GLN A 302 -6.70 6.84 8.05
N ARG A 303 -7.52 7.48 7.20
CA ARG A 303 -8.20 8.73 7.50
C ARG A 303 -9.70 8.56 7.31
N GLY A 304 -10.19 7.35 7.61
CA GLY A 304 -11.60 7.02 7.50
C GLY A 304 -12.24 7.01 6.12
N HIS A 305 -11.43 7.13 5.07
CA HIS A 305 -12.00 7.16 3.73
C HIS A 305 -12.16 5.78 3.10
N GLY A 306 -12.94 4.91 3.72
CA GLY A 306 -13.15 3.61 3.10
C GLY A 306 -13.14 2.33 3.92
N ALA A 307 -13.05 1.22 3.19
CA ALA A 307 -13.04 -0.12 3.73
C ALA A 307 -12.10 -0.27 4.92
N GLY A 308 -12.61 -0.89 5.97
CA GLY A 308 -11.83 -1.10 7.17
C GLY A 308 -12.59 -0.66 8.40
N GLY A 309 -13.03 0.60 8.40
CA GLY A 309 -13.77 1.11 9.53
C GLY A 309 -12.94 1.64 10.67
N ALA A 310 -13.45 1.46 11.88
CA ALA A 310 -12.80 1.96 13.07
C ALA A 310 -11.72 1.04 13.62
N SER A 311 -11.65 -0.19 13.14
CA SER A 311 -10.64 -1.11 13.66
C SER A 311 -9.27 -0.84 13.03
N ILE A 312 -9.27 -0.13 11.91
CA ILE A 312 -8.03 0.16 11.20
C ILE A 312 -6.97 0.79 12.10
N LEU A 313 -5.78 0.16 12.11
CA LEU A 313 -4.63 0.64 12.88
C LEU A 313 -3.73 1.50 11.99
N THR A 314 -3.26 2.63 12.54
CA THR A 314 -2.39 3.53 11.76
C THR A 314 -1.21 4.01 12.62
N PHE A 315 -0.37 4.86 12.03
CA PHE A 315 0.77 5.39 12.75
C PHE A 315 0.35 6.18 13.99
N TRP A 316 -0.91 6.65 14.03
CA TRP A 316 -1.41 7.39 15.18
C TRP A 316 -1.44 6.49 16.43
N ASP A 317 -1.59 5.19 16.20
CA ASP A 317 -1.61 4.16 17.24
C ASP A 317 -0.31 3.35 17.17
N ALA A 318 0.80 4.09 17.15
CA ALA A 318 2.15 3.55 17.00
C ALA A 318 2.40 2.19 17.68
N ARG A 319 2.12 2.04 18.96
CA ARG A 319 2.43 0.77 19.65
C ARG A 319 1.73 -0.43 19.01
N LEU A 320 0.42 -0.36 18.86
CA LEU A 320 -0.32 -1.46 18.27
C LEU A 320 -0.02 -1.59 16.77
N TYR A 321 0.22 -0.46 16.11
CA TYR A 321 0.52 -0.46 14.68
C TYR A 321 1.76 -1.28 14.39
N LYS A 322 2.83 -1.00 15.12
CA LYS A 322 4.07 -1.72 14.89
C LYS A 322 3.91 -3.20 15.08
N MET A 323 3.05 -3.56 16.00
CA MET A 323 2.87 -4.95 16.31
C MET A 323 2.05 -5.63 15.17
N ALA A 324 1.04 -4.93 14.63
CA ALA A 324 0.25 -5.44 13.51
C ALA A 324 1.12 -5.60 12.27
N VAL A 325 1.89 -4.56 11.94
CA VAL A 325 2.79 -4.60 10.79
C VAL A 325 3.86 -5.66 11.00
N GLY A 326 4.22 -5.88 12.25
CA GLY A 326 5.21 -6.88 12.57
C GLY A 326 4.65 -8.26 12.26
N PHE A 327 3.41 -8.49 12.66
CA PHE A 327 2.74 -9.77 12.41
C PHE A 327 2.58 -10.02 10.90
N MET A 328 2.13 -9.00 10.18
CA MET A 328 1.93 -9.10 8.74
C MET A 328 3.23 -9.50 8.02
N LEU A 329 4.30 -8.76 8.27
CA LEU A 329 5.60 -9.00 7.64
C LEU A 329 6.22 -10.34 8.03
N ALA A 330 5.78 -10.92 9.14
CA ALA A 330 6.32 -12.20 9.59
C ALA A 330 5.51 -13.37 9.04
N HIS A 331 4.22 -13.15 8.80
CA HIS A 331 3.34 -14.19 8.31
C HIS A 331 3.46 -14.36 6.80
N PRO A 332 3.52 -15.60 6.31
CA PRO A 332 3.65 -15.87 4.87
C PRO A 332 2.50 -15.47 3.94
N TYR A 333 1.31 -15.20 4.48
CA TYR A 333 0.17 -14.85 3.63
C TYR A 333 0.36 -13.53 2.85
N GLY A 334 0.18 -13.63 1.53
CA GLY A 334 0.24 -12.51 0.59
C GLY A 334 1.51 -11.72 0.31
N PHE A 335 1.35 -10.70 -0.54
CA PHE A 335 2.42 -9.76 -0.86
C PHE A 335 2.15 -8.49 -0.06
N THR A 336 3.11 -8.08 0.75
CA THR A 336 2.92 -6.99 1.69
C THR A 336 3.35 -5.61 1.20
N ARG A 337 2.46 -4.65 1.45
CA ARG A 337 2.70 -3.26 1.15
C ARG A 337 2.77 -2.46 2.45
N VAL A 338 3.83 -1.69 2.60
CA VAL A 338 4.04 -0.88 3.78
C VAL A 338 3.58 0.54 3.52
N MET A 339 2.89 1.13 4.48
CA MET A 339 2.40 2.49 4.31
C MET A 339 3.41 3.51 4.84
N SER A 340 3.52 4.63 4.14
CA SER A 340 4.36 5.77 4.53
C SER A 340 3.53 7.03 4.38
N SER A 341 3.22 7.67 5.51
CA SER A 341 2.28 8.79 5.55
C SER A 341 2.92 10.11 5.95
N TYR A 342 2.05 11.13 5.96
CA TYR A 342 2.38 12.45 6.45
C TYR A 342 1.39 12.80 7.55
N ARG A 343 1.81 13.67 8.48
CA ARG A 343 0.93 14.04 9.57
C ARG A 343 0.01 15.18 9.15
N TRP A 344 -1.23 15.16 9.63
CA TRP A 344 -2.17 16.23 9.37
C TRP A 344 -2.94 16.56 10.64
N PRO A 345 -3.52 17.77 10.72
CA PRO A 345 -4.26 18.12 11.93
C PRO A 345 -5.61 17.44 12.08
N ARG A 346 -5.61 16.23 12.65
CA ARG A 346 -6.87 15.51 12.89
C ARG A 346 -7.79 16.39 13.72
N GLN A 347 -9.05 16.53 13.31
CA GLN A 347 -9.90 17.38 14.09
C GLN A 347 -11.30 16.76 14.11
N PHE A 348 -11.52 15.90 15.10
CA PHE A 348 -12.76 15.16 15.22
C PHE A 348 -13.90 16.00 15.76
N GLN A 349 -15.03 15.89 15.07
CA GLN A 349 -16.25 16.57 15.42
C GLN A 349 -17.39 15.57 15.36
N ASN A 350 -17.66 14.94 16.50
CA ASN A 350 -18.68 13.91 16.61
C ASN A 350 -18.17 12.60 16.00
N GLY A 351 -16.94 12.24 16.36
CA GLY A 351 -16.36 11.01 15.86
C GLY A 351 -15.90 11.03 14.41
N ASN A 352 -16.00 12.18 13.73
CA ASN A 352 -15.55 12.19 12.34
C ASN A 352 -14.49 13.29 12.18
N ASP A 353 -13.42 12.97 11.45
CA ASP A 353 -12.33 13.92 11.19
C ASP A 353 -12.74 14.91 10.11
N VAL A 354 -12.88 16.18 10.46
CA VAL A 354 -13.28 17.18 9.48
C VAL A 354 -12.10 17.62 8.62
N ASN A 355 -10.90 17.15 8.97
CA ASN A 355 -9.69 17.49 8.23
C ASN A 355 -9.09 16.27 7.51
N ASP A 356 -9.95 15.34 7.12
CA ASP A 356 -9.50 14.12 6.44
C ASP A 356 -9.14 14.40 4.98
N TRP A 357 -9.39 15.63 4.53
CA TRP A 357 -9.10 16.04 3.17
C TRP A 357 -7.71 16.68 3.03
N VAL A 358 -7.18 17.18 4.15
CA VAL A 358 -5.89 17.87 4.15
C VAL A 358 -4.81 17.14 3.38
N GLY A 359 -4.18 17.88 2.47
CA GLY A 359 -3.12 17.34 1.62
C GLY A 359 -1.78 17.27 2.32
N PRO A 360 -0.70 16.94 1.59
CA PRO A 360 0.67 16.82 2.11
C PRO A 360 1.24 18.13 2.66
N PRO A 361 2.30 18.06 3.50
CA PRO A 361 2.91 19.26 4.06
C PRO A 361 3.22 20.19 2.89
N ASN A 362 2.80 21.45 2.99
CA ASN A 362 3.04 22.35 1.89
C ASN A 362 3.22 23.78 2.34
N ASN A 363 3.64 24.59 1.38
CA ASN A 363 3.80 26.02 1.51
C ASN A 363 3.01 26.66 0.39
N ASN A 364 1.78 27.07 0.69
CA ASN A 364 0.89 27.67 -0.30
C ASN A 364 0.70 26.78 -1.52
N GLY A 365 0.67 25.47 -1.30
CA GLY A 365 0.45 24.54 -2.40
C GLY A 365 1.67 23.74 -2.81
N VAL A 366 2.85 24.30 -2.57
CA VAL A 366 4.09 23.63 -2.93
C VAL A 366 4.46 22.60 -1.87
N ILE A 367 4.46 21.33 -2.28
CA ILE A 367 4.79 20.26 -1.37
C ILE A 367 6.17 20.46 -0.75
N LYS A 368 6.27 20.23 0.55
CA LYS A 368 7.52 20.38 1.26
C LYS A 368 8.41 19.18 1.06
N GLU A 369 9.70 19.46 0.98
CA GLU A 369 10.73 18.47 0.85
C GLU A 369 10.81 17.57 2.05
N VAL A 370 11.11 16.29 1.81
CA VAL A 370 11.24 15.36 2.92
C VAL A 370 12.63 15.49 3.51
N THR A 371 12.73 16.08 4.69
CA THR A 371 14.04 16.24 5.32
C THR A 371 14.37 15.04 6.18
N ILE A 372 15.65 14.72 6.26
CA ILE A 372 16.10 13.60 7.08
C ILE A 372 16.84 14.12 8.31
N ASN A 373 16.36 13.74 9.49
CA ASN A 373 17.00 14.16 10.73
C ASN A 373 18.28 13.37 11.00
N PRO A 374 19.17 13.92 11.83
CA PRO A 374 20.43 13.21 12.14
C PRO A 374 20.21 11.82 12.74
N ASP A 375 19.02 11.60 13.28
CA ASP A 375 18.71 10.30 13.89
C ASP A 375 18.03 9.37 12.88
N THR A 376 18.06 9.74 11.61
CA THR A 376 17.49 8.97 10.51
C THR A 376 15.97 9.10 10.39
N THR A 377 15.37 9.99 11.16
CA THR A 377 13.92 10.21 11.05
C THR A 377 13.64 11.31 10.04
N CYS A 378 12.38 11.53 9.69
CA CYS A 378 12.06 12.57 8.72
C CYS A 378 11.48 13.80 9.40
N GLY A 379 11.74 14.97 8.79
CA GLY A 379 11.20 16.21 9.30
C GLY A 379 10.09 16.65 8.37
N ASN A 380 9.67 17.91 8.50
CA ASN A 380 8.62 18.53 7.68
C ASN A 380 7.25 17.83 7.72
N ASP A 381 6.96 17.13 8.80
CA ASP A 381 5.66 16.48 9.04
C ASP A 381 5.46 15.14 8.29
N TRP A 382 6.51 14.60 7.71
CA TRP A 382 6.41 13.30 7.07
C TRP A 382 6.68 12.22 8.12
N VAL A 383 5.75 11.28 8.29
CA VAL A 383 5.88 10.25 9.31
C VAL A 383 7.00 9.26 9.01
N CYS A 384 7.08 8.81 7.77
CA CYS A 384 8.15 7.89 7.37
C CYS A 384 8.19 6.61 8.19
N GLU A 385 7.04 5.94 8.31
CA GLU A 385 6.96 4.68 9.04
C GLU A 385 8.00 3.68 8.53
N HIS A 386 8.29 3.73 7.23
CA HIS A 386 9.24 2.80 6.64
C HIS A 386 10.64 2.99 7.20
N ARG A 387 10.85 4.07 7.94
CA ARG A 387 12.16 4.33 8.54
C ARG A 387 12.19 3.94 10.01
N TRP A 388 11.03 3.63 10.60
CA TRP A 388 11.01 3.18 11.99
C TRP A 388 11.81 1.88 12.08
N ARG A 389 12.70 1.78 13.06
CA ARG A 389 13.53 0.58 13.20
C ARG A 389 12.71 -0.72 13.26
N GLN A 390 11.57 -0.70 13.95
CA GLN A 390 10.77 -1.89 14.13
C GLN A 390 10.13 -2.35 12.83
N ILE A 391 9.74 -1.39 12.00
CA ILE A 391 9.14 -1.74 10.71
C ILE A 391 10.24 -2.15 9.72
N ARG A 392 11.25 -1.30 9.63
CA ARG A 392 12.42 -1.48 8.80
C ARG A 392 13.03 -2.89 8.97
N ASN A 393 13.22 -3.31 10.22
CA ASN A 393 13.85 -4.60 10.52
C ASN A 393 12.93 -5.78 10.24
N MET A 394 11.62 -5.54 10.23
CA MET A 394 10.66 -6.59 9.93
C MET A 394 10.56 -6.77 8.41
N VAL A 395 10.86 -5.70 7.69
CA VAL A 395 10.90 -5.75 6.24
C VAL A 395 12.05 -6.67 5.82
N ILE A 396 13.17 -6.54 6.54
CA ILE A 396 14.34 -7.38 6.30
C ILE A 396 14.07 -8.81 6.75
N PHE A 397 13.37 -8.95 7.87
CA PHE A 397 12.98 -10.24 8.41
C PHE A 397 12.22 -11.06 7.34
N ARG A 398 11.25 -10.44 6.67
CA ARG A 398 10.47 -11.11 5.63
C ARG A 398 11.35 -11.58 4.46
N ASN A 399 12.35 -10.78 4.11
CA ASN A 399 13.26 -11.15 3.04
C ASN A 399 14.06 -12.38 3.44
N VAL A 400 14.50 -12.40 4.69
CA VAL A 400 15.34 -13.47 5.24
C VAL A 400 14.64 -14.83 5.35
N VAL A 401 13.36 -14.85 5.71
CA VAL A 401 12.66 -16.11 5.89
C VAL A 401 11.76 -16.45 4.72
N ASP A 402 11.85 -15.68 3.65
CA ASP A 402 11.04 -15.89 2.46
C ASP A 402 11.08 -17.35 2.03
N GLY A 403 9.90 -17.92 1.80
CA GLY A 403 9.81 -19.30 1.38
C GLY A 403 9.82 -20.33 2.49
N GLN A 404 10.08 -19.89 3.73
CA GLN A 404 10.10 -20.82 4.86
C GLN A 404 8.69 -21.04 5.40
N PRO A 405 8.40 -22.28 5.80
CA PRO A 405 7.07 -22.59 6.33
C PRO A 405 6.77 -22.04 7.71
N PHE A 406 5.50 -21.72 7.90
CA PHE A 406 5.00 -21.25 9.18
C PHE A 406 5.01 -22.43 10.14
N THR A 407 5.85 -22.37 11.17
CA THR A 407 5.94 -23.51 12.09
C THR A 407 6.14 -23.08 13.54
N ASN A 408 6.32 -24.08 14.40
CA ASN A 408 6.56 -23.88 15.83
C ASN A 408 5.58 -22.89 16.45
N TRP A 409 4.30 -23.01 16.13
CA TRP A 409 3.32 -22.08 16.69
C TRP A 409 3.04 -22.37 18.16
N TYR A 410 2.90 -21.28 18.92
CA TYR A 410 2.58 -21.36 20.33
C TYR A 410 1.58 -20.28 20.69
N ASP A 411 0.72 -20.60 21.64
CA ASP A 411 -0.25 -19.64 22.16
C ASP A 411 -0.69 -20.06 23.54
N ASN A 412 -1.01 -19.09 24.39
CA ASN A 412 -1.43 -19.36 25.75
C ASN A 412 -2.95 -19.38 25.86
N GLY A 413 -3.62 -19.46 24.73
CA GLY A 413 -5.07 -19.48 24.73
C GLY A 413 -5.67 -18.11 24.78
N SER A 414 -4.81 -17.09 24.88
CA SER A 414 -5.24 -15.70 24.96
C SER A 414 -4.53 -14.81 23.90
N ASN A 415 -3.58 -13.98 24.33
CA ASN A 415 -2.91 -13.06 23.40
C ASN A 415 -1.40 -13.15 23.47
N GLN A 416 -0.88 -14.30 23.87
CA GLN A 416 0.56 -14.53 23.88
C GLN A 416 0.87 -15.63 22.90
N VAL A 417 1.37 -15.24 21.73
CA VAL A 417 1.65 -16.20 20.67
C VAL A 417 3.03 -16.03 20.07
N ALA A 418 3.56 -17.12 19.54
CA ALA A 418 4.87 -17.13 18.90
C ALA A 418 4.86 -18.12 17.74
N PHE A 419 5.69 -17.87 16.74
CA PHE A 419 5.78 -18.79 15.63
C PHE A 419 7.05 -18.55 14.87
N GLY A 420 7.49 -19.57 14.14
CA GLY A 420 8.70 -19.42 13.38
C GLY A 420 8.47 -19.58 11.90
N ARG A 421 9.54 -19.38 11.17
CA ARG A 421 9.57 -19.54 9.73
C ARG A 421 10.71 -20.48 9.40
N GLY A 422 10.40 -21.77 9.33
CA GLY A 422 11.41 -22.76 9.05
C GLY A 422 12.44 -22.64 10.16
N ASN A 423 13.70 -22.52 9.78
CA ASN A 423 14.77 -22.36 10.75
C ASN A 423 15.53 -21.07 10.45
N ARG A 424 14.79 -20.11 9.90
CA ARG A 424 15.38 -18.83 9.50
C ARG A 424 14.94 -17.68 10.39
N GLY A 425 13.81 -17.82 11.06
CA GLY A 425 13.37 -16.72 11.91
C GLY A 425 12.35 -17.13 12.94
N PHE A 426 12.25 -16.31 13.98
CA PHE A 426 11.31 -16.55 15.05
C PHE A 426 10.79 -15.25 15.61
N ILE A 427 9.52 -15.23 15.95
CA ILE A 427 8.89 -14.03 16.47
C ILE A 427 7.95 -14.37 17.64
N VAL A 428 7.96 -13.50 18.66
CA VAL A 428 7.14 -13.69 19.85
C VAL A 428 6.34 -12.42 20.17
N PHE A 429 5.05 -12.58 20.47
CA PHE A 429 4.19 -11.45 20.78
C PHE A 429 3.51 -11.57 22.15
N ASN A 430 3.42 -10.46 22.86
CA ASN A 430 2.70 -10.44 24.14
C ASN A 430 1.66 -9.33 24.12
N ASN A 431 0.42 -9.71 23.85
CA ASN A 431 -0.68 -8.73 23.84
C ASN A 431 -1.65 -8.99 24.97
N ASP A 432 -1.18 -9.68 26.02
CA ASP A 432 -2.00 -9.94 27.20
C ASP A 432 -1.66 -8.92 28.27
N ASP A 433 -2.50 -8.81 29.29
CA ASP A 433 -2.28 -7.82 30.34
C ASP A 433 -1.39 -8.31 31.48
N TRP A 434 -0.47 -9.20 31.15
CA TRP A 434 0.51 -9.69 32.10
C TRP A 434 1.77 -10.05 31.37
N SER A 435 2.87 -10.18 32.08
CA SER A 435 4.14 -10.45 31.45
C SER A 435 4.23 -11.84 30.85
N PHE A 436 5.15 -11.97 29.90
CA PHE A 436 5.41 -13.22 29.24
C PHE A 436 6.80 -13.68 29.60
N SER A 437 6.90 -14.90 30.08
CA SER A 437 8.19 -15.41 30.47
C SER A 437 8.18 -16.94 30.31
N LEU A 438 8.75 -17.40 29.20
CA LEU A 438 8.70 -18.81 28.88
C LEU A 438 9.83 -19.23 27.98
N THR A 439 10.30 -20.45 28.15
CA THR A 439 11.32 -20.99 27.27
C THR A 439 10.60 -21.61 26.09
N LEU A 440 10.97 -21.23 24.88
CA LEU A 440 10.30 -21.75 23.69
C LEU A 440 11.24 -22.44 22.72
N GLN A 441 10.64 -23.32 21.95
CA GLN A 441 11.35 -24.00 20.89
C GLN A 441 11.35 -23.06 19.69
N THR A 442 12.53 -22.68 19.23
CA THR A 442 12.60 -21.72 18.14
C THR A 442 12.78 -22.38 16.78
N GLY A 443 13.47 -23.52 16.73
CA GLY A 443 13.72 -24.18 15.46
C GLY A 443 14.93 -23.56 14.77
N LEU A 444 15.64 -22.70 15.51
CA LEU A 444 16.81 -22.00 14.99
C LEU A 444 18.10 -22.61 15.53
N PRO A 445 19.20 -22.47 14.77
CA PRO A 445 20.48 -23.03 15.24
C PRO A 445 20.92 -22.30 16.50
N ALA A 446 21.60 -23.01 17.40
CA ALA A 446 22.07 -22.40 18.63
C ALA A 446 22.95 -21.19 18.35
N GLY A 447 22.91 -20.23 19.27
CA GLY A 447 23.72 -19.04 19.11
C GLY A 447 23.10 -17.83 19.78
N THR A 448 23.79 -16.71 19.67
CA THR A 448 23.30 -15.47 20.22
C THR A 448 22.72 -14.62 19.09
N TYR A 449 21.45 -14.24 19.22
CA TYR A 449 20.80 -13.44 18.20
C TYR A 449 20.42 -12.09 18.74
N CYS A 450 20.53 -11.07 17.90
CA CYS A 450 20.11 -9.74 18.28
C CYS A 450 18.62 -9.60 18.05
N ASP A 451 17.87 -9.10 19.03
CA ASP A 451 16.46 -8.86 18.79
C ASP A 451 16.37 -7.66 17.84
N VAL A 452 15.70 -7.83 16.70
CA VAL A 452 15.66 -6.76 15.69
C VAL A 452 14.55 -5.74 15.93
N ILE A 453 13.74 -5.94 16.96
CA ILE A 453 12.71 -4.95 17.26
C ILE A 453 13.26 -3.86 18.18
N SER A 454 14.01 -4.28 19.20
CA SER A 454 14.61 -3.38 20.17
C SER A 454 15.96 -2.83 19.68
N GLY A 455 16.57 -3.49 18.71
CA GLY A 455 17.86 -3.00 18.24
C GLY A 455 18.28 -3.47 16.88
N ASP A 456 19.58 -3.38 16.62
CA ASP A 456 20.18 -3.77 15.36
C ASP A 456 21.47 -4.53 15.61
N LYS A 457 21.88 -5.31 14.63
CA LYS A 457 23.16 -5.96 14.73
C LYS A 457 24.18 -5.13 13.98
N ILE A 458 25.30 -4.81 14.62
CA ILE A 458 26.36 -4.01 13.99
C ILE A 458 27.74 -4.59 14.28
N ASN A 459 28.44 -4.98 13.23
CA ASN A 459 29.80 -5.53 13.28
C ASN A 459 30.07 -6.45 14.50
N GLY A 460 29.21 -7.43 14.78
CA GLY A 460 29.49 -8.31 15.91
C GLY A 460 28.93 -7.96 17.31
N ASN A 461 28.03 -6.98 17.32
CA ASN A 461 27.28 -6.51 18.51
C ASN A 461 25.86 -6.09 18.22
N CYS A 462 25.06 -6.21 19.27
CA CYS A 462 23.67 -5.84 19.22
C CYS A 462 23.48 -4.53 19.94
N THR A 463 22.59 -3.67 19.44
CA THR A 463 22.35 -2.40 20.11
C THR A 463 21.12 -2.49 21.00
N GLY A 464 20.46 -3.65 20.94
CA GLY A 464 19.28 -3.86 21.75
C GLY A 464 19.40 -5.13 22.55
N ILE A 465 18.29 -5.84 22.67
CA ILE A 465 18.21 -7.10 23.40
C ILE A 465 18.92 -8.24 22.65
N LYS A 466 19.43 -9.20 23.41
CA LYS A 466 20.10 -10.38 22.88
C LYS A 466 19.38 -11.63 23.33
N ILE A 467 19.18 -12.56 22.41
CA ILE A 467 18.50 -13.81 22.71
C ILE A 467 19.47 -14.96 22.58
N TYR A 468 19.48 -15.85 23.56
CA TYR A 468 20.41 -16.96 23.52
C TYR A 468 19.71 -18.28 23.19
N VAL A 469 20.01 -18.84 22.03
CA VAL A 469 19.43 -20.11 21.59
C VAL A 469 20.38 -21.26 21.87
N SER A 470 19.93 -22.25 22.62
CA SER A 470 20.75 -23.41 22.92
C SER A 470 20.69 -24.50 21.82
N ASP A 471 21.55 -25.51 21.97
CA ASP A 471 21.73 -26.58 21.00
C ASP A 471 20.39 -27.20 20.61
N ASP A 472 19.45 -27.24 21.54
CA ASP A 472 18.16 -27.87 21.29
C ASP A 472 17.16 -26.91 20.64
N GLY A 473 17.63 -25.72 20.29
CA GLY A 473 16.77 -24.73 19.65
C GLY A 473 15.87 -23.96 20.58
N LYS A 474 15.99 -24.22 21.88
CA LYS A 474 15.16 -23.54 22.85
C LYS A 474 15.75 -22.22 23.25
N ALA A 475 14.89 -21.26 23.58
CA ALA A 475 15.34 -19.95 23.98
C ALA A 475 14.34 -19.31 24.93
N HIS A 476 14.85 -18.59 25.92
CA HIS A 476 13.97 -17.95 26.87
C HIS A 476 13.60 -16.55 26.40
N PHE A 477 12.32 -16.21 26.56
CA PHE A 477 11.81 -14.91 26.17
C PHE A 477 11.04 -14.27 27.31
N SER A 478 11.40 -13.03 27.63
CA SER A 478 10.73 -12.26 28.66
C SER A 478 10.19 -10.96 28.10
N ILE A 479 8.87 -10.82 28.07
CA ILE A 479 8.25 -9.60 27.56
C ILE A 479 7.21 -9.09 28.54
N SER A 480 7.45 -7.90 29.06
CA SER A 480 6.53 -7.23 29.97
C SER A 480 5.35 -6.65 29.21
N ASN A 481 4.15 -6.74 29.76
CA ASN A 481 3.00 -6.19 29.06
C ASN A 481 3.09 -4.66 28.99
N SER A 482 4.06 -4.11 29.70
CA SER A 482 4.26 -2.67 29.70
C SER A 482 5.41 -2.27 28.80
N ALA A 483 5.99 -3.23 28.11
CA ALA A 483 7.12 -2.94 27.24
C ALA A 483 6.75 -1.97 26.11
N GLU A 484 7.71 -1.12 25.75
CA GLU A 484 7.53 -0.20 24.62
C GLU A 484 7.01 -0.91 23.40
N ASP A 485 7.69 -1.99 23.09
CA ASP A 485 7.34 -2.87 21.99
C ASP A 485 7.18 -4.27 22.56
N PRO A 486 5.94 -4.71 22.79
CA PRO A 486 5.74 -6.04 23.37
C PRO A 486 5.99 -7.25 22.48
N PHE A 487 6.95 -7.14 21.56
CA PHE A 487 7.28 -8.27 20.71
C PHE A 487 8.76 -8.30 20.36
N ILE A 488 9.26 -9.51 20.18
CA ILE A 488 10.67 -9.77 19.87
C ILE A 488 10.81 -10.59 18.59
N ALA A 489 11.73 -10.22 17.71
CA ALA A 489 11.94 -10.97 16.49
C ALA A 489 13.44 -11.21 16.26
N ILE A 490 13.80 -12.44 15.89
CA ILE A 490 15.17 -12.77 15.61
C ILE A 490 15.25 -13.62 14.35
N HIS A 491 16.33 -13.48 13.59
CA HIS A 491 16.45 -14.28 12.38
C HIS A 491 17.90 -14.61 12.06
N ALA A 492 18.07 -15.45 11.06
CA ALA A 492 19.37 -15.93 10.61
C ALA A 492 20.39 -14.82 10.42
N GLU A 493 19.95 -13.69 9.89
CA GLU A 493 20.87 -12.60 9.61
C GLU A 493 21.08 -11.69 10.82
N SER A 494 20.43 -11.99 11.93
CA SER A 494 20.64 -11.20 13.14
C SER A 494 21.46 -11.99 14.15
N LYS A 495 21.86 -13.20 13.74
CA LYS A 495 22.69 -14.06 14.58
C LYS A 495 24.09 -13.50 14.65
N LEU A 496 24.65 -13.52 15.85
CA LEU A 496 25.92 -12.90 16.08
C LEU A 496 27.05 -13.86 15.72
#